data_9KHP
#
_entry.id   9KHP
#
_cell.length_a   60.990
_cell.length_b   124.320
_cell.length_c   69.900
_cell.angle_alpha   90.000
_cell.angle_beta   90.000
_cell.angle_gamma   90.000
#
_symmetry.space_group_name_H-M   'C 2 2 21'
#
loop_
_entity.id
_entity.type
_entity.pdbx_description
1 polymer 'Class I SAM-dependent methyltransferase'
2 non-polymer S-ADENOSYL-L-HOMOCYSTEINE
3 non-polymer CYSTEINE
4 non-polymer 'DIMETHYL SULFOXIDE'
5 non-polymer 1,2-ETHANEDIOL
6 non-polymer 'ACETATE ION'
7 water water
#
_entity_poly.entity_id   1
_entity_poly.type   'polypeptide(L)'
_entity_poly.pdbx_seq_one_letter_code
;MTTDITEATGSTAVTEANGATTGITGPVPAGAAGAPGHEPLLGDPFGAVLRRCLDGGGTRDLAFEVVERDDGFIIAQDAG
IYFAPPGEWPPTEQWAVERARGRVLDVGCGAGRHGLALREAGLDVLGVDSSPGAAEVARERGLDVLEARFTELPARLPDG
AGPFDTFLLLGNGTGLLGTPAQARETLGALAEVAAPGAVILGDGLDVPVPPDRAAYERWNAERGRPEGFVRIRLRDRLLV
GEWFDYAMISPDDLGRVLAGTRWDLASVERAGVRYLATLRLRD
;
_entity_poly.pdbx_strand_id   A
#
loop_
_chem_comp.id
_chem_comp.type
_chem_comp.name
_chem_comp.formula
ACT non-polymer 'ACETATE ION' 'C2 H3 O2 -1'
DMS non-polymer 'DIMETHYL SULFOXIDE' 'C2 H6 O S'
EDO non-polymer 1,2-ETHANEDIOL 'C2 H6 O2'
SAH non-polymer S-ADENOSYL-L-HOMOCYSTEINE 'C14 H20 N6 O5 S'
#
# COMPACT_ATOMS: atom_id res chain seq x y z
N GLY A 26 5.28 24.82 30.40
CA GLY A 26 4.73 23.80 29.50
C GLY A 26 4.81 24.14 28.03
N PRO A 27 4.64 23.12 27.17
CA PRO A 27 4.72 23.34 25.73
C PRO A 27 3.39 23.85 25.17
N VAL A 28 3.49 24.72 24.16
CA VAL A 28 2.34 25.46 23.65
C VAL A 28 1.85 24.77 22.38
N PRO A 29 0.58 24.32 22.34
CA PRO A 29 0.05 23.79 21.08
C PRO A 29 0.00 24.86 20.01
N ALA A 30 0.14 24.42 18.76
CA ALA A 30 0.29 25.37 17.66
C ALA A 30 -1.03 25.90 17.12
N GLY A 31 -2.09 25.12 17.14
CA GLY A 31 -3.29 25.63 16.49
C GLY A 31 -3.30 25.39 14.98
N ALA A 32 -4.47 25.02 14.47
CA ALA A 32 -4.57 24.52 13.10
C ALA A 32 -4.61 25.67 12.11
N ALA A 33 -4.16 25.36 10.90
CA ALA A 33 -4.39 26.25 9.78
C ALA A 33 -5.82 26.09 9.27
N GLY A 34 -6.24 27.03 8.43
CA GLY A 34 -7.53 26.89 7.80
C GLY A 34 -8.59 27.75 8.47
N ALA A 35 -9.53 28.20 7.65
CA ALA A 35 -10.72 28.93 8.08
C ALA A 35 -11.80 28.63 7.08
N PRO A 36 -13.07 28.85 7.43
CA PRO A 36 -14.15 28.59 6.46
C PRO A 36 -13.89 29.29 5.13
N GLY A 37 -13.96 28.52 4.05
CA GLY A 37 -13.67 29.04 2.72
C GLY A 37 -12.19 29.09 2.36
N HIS A 38 -11.28 28.81 3.31
CA HIS A 38 -9.85 28.86 3.06
C HIS A 38 -9.20 27.76 3.90
N GLU A 39 -9.47 26.51 3.54
CA GLU A 39 -9.01 25.41 4.36
C GLU A 39 -8.83 24.18 3.48
N PRO A 40 -8.08 23.19 3.95
CA PRO A 40 -7.84 22.01 3.12
C PRO A 40 -9.12 21.20 2.89
N LEU A 41 -9.20 20.61 1.72
CA LEU A 41 -10.38 19.88 1.28
C LEU A 41 -10.03 18.43 1.03
N LEU A 42 -10.99 17.55 1.30
CA LEU A 42 -10.79 16.14 1.00
C LEU A 42 -10.66 15.93 -0.50
N GLY A 43 -9.65 15.16 -0.91
CA GLY A 43 -9.49 14.82 -2.31
C GLY A 43 -8.37 13.81 -2.51
N ASP A 44 -7.58 14.00 -3.57
CA ASP A 44 -6.60 13.01 -4.01
C ASP A 44 -5.21 13.63 -4.06
N PRO A 45 -4.64 13.97 -2.91
CA PRO A 45 -3.29 14.55 -2.91
C PRO A 45 -2.22 13.61 -3.46
N PHE A 46 -2.33 12.30 -3.23
CA PHE A 46 -1.29 11.40 -3.76
C PHE A 46 -1.28 11.40 -5.28
N GLY A 47 -2.46 11.39 -5.90
CA GLY A 47 -2.54 11.49 -7.34
C GLY A 47 -1.89 12.75 -7.85
N ALA A 48 -2.09 13.87 -7.14
CA ALA A 48 -1.49 15.12 -7.57
C ALA A 48 0.03 15.07 -7.50
N VAL A 49 0.57 14.49 -6.43
CA VAL A 49 2.02 14.36 -6.27
C VAL A 49 2.60 13.49 -7.37
N LEU A 50 1.99 12.33 -7.60
CA LEU A 50 2.50 11.43 -8.65
C LEU A 50 2.44 12.07 -10.03
N ARG A 51 1.36 12.81 -10.30
CA ARG A 51 1.23 13.49 -11.57
C ARG A 51 2.34 14.52 -11.75
N ARG A 52 2.64 15.30 -10.71
CA ARG A 52 3.71 16.29 -10.80
C ARG A 52 5.05 15.60 -11.00
N CYS A 53 5.26 14.47 -10.32
CA CYS A 53 6.50 13.72 -10.49
C CYS A 53 6.65 13.21 -11.91
N LEU A 54 5.61 12.56 -12.44
CA LEU A 54 5.68 12.02 -13.80
C LEU A 54 5.92 13.13 -14.82
N ASP A 55 5.23 14.26 -14.65
CA ASP A 55 5.34 15.37 -15.59
C ASP A 55 6.77 15.92 -15.65
N GLY A 56 7.57 15.72 -14.61
CA GLY A 56 8.95 16.16 -14.60
C GLY A 56 9.94 15.11 -14.99
N GLY A 57 9.50 13.88 -15.24
CA GLY A 57 10.38 12.81 -15.66
C GLY A 57 10.43 11.65 -14.71
N GLY A 58 9.69 11.70 -13.60
CA GLY A 58 9.62 10.58 -12.68
C GLY A 58 10.92 10.26 -11.96
N THR A 59 11.75 11.27 -11.73
CA THR A 59 13.00 11.09 -10.99
C THR A 59 12.88 11.81 -9.65
N ARG A 60 13.96 11.76 -8.88
CA ARG A 60 13.96 12.44 -7.60
C ARG A 60 14.04 13.96 -7.78
N ASP A 61 13.83 14.66 -6.66
CA ASP A 61 13.87 16.12 -6.54
C ASP A 61 12.86 16.82 -7.43
N LEU A 62 11.73 16.18 -7.74
CA LEU A 62 10.66 16.80 -8.50
C LEU A 62 9.40 17.03 -7.67
N ALA A 63 9.00 16.06 -6.86
CA ALA A 63 7.79 16.19 -6.06
C ALA A 63 7.94 15.35 -4.79
N PHE A 64 7.22 15.74 -3.76
CA PHE A 64 7.36 15.15 -2.43
C PHE A 64 6.01 14.74 -1.86
N GLU A 65 5.97 13.57 -1.24
CA GLU A 65 4.81 13.08 -0.53
C GLU A 65 4.89 13.61 0.90
N VAL A 66 3.82 14.21 1.38
CA VAL A 66 3.76 14.67 2.77
C VAL A 66 2.71 13.84 3.50
N VAL A 67 3.13 13.19 4.58
CA VAL A 67 2.25 12.36 5.41
C VAL A 67 2.03 13.08 6.73
N GLU A 68 0.77 13.14 7.17
CA GLU A 68 0.39 13.72 8.46
C GLU A 68 -0.28 12.63 9.29
N ARG A 69 0.26 12.39 10.48
CA ARG A 69 -0.36 11.47 11.42
C ARG A 69 -1.53 12.17 12.14
N ASP A 70 -2.38 11.37 12.82
CA ASP A 70 -3.55 12.00 13.43
C ASP A 70 -3.23 12.83 14.68
N ASP A 71 -2.01 12.80 15.19
CA ASP A 71 -1.59 13.78 16.17
C ASP A 71 -0.92 14.99 15.53
N GLY A 72 -0.88 15.04 14.20
CA GLY A 72 -0.23 16.13 13.50
C GLY A 72 1.24 15.91 13.19
N PHE A 73 1.79 14.74 13.48
CA PHE A 73 3.19 14.44 13.16
C PHE A 73 3.40 14.49 11.65
N ILE A 74 4.38 15.28 11.18
CA ILE A 74 4.59 15.51 9.75
C ILE A 74 5.90 14.84 9.30
N ILE A 75 5.84 14.09 8.21
CA ILE A 75 7.05 13.56 7.59
C ILE A 75 6.84 13.52 6.08
N ALA A 76 7.92 13.80 5.34
CA ALA A 76 7.87 13.83 3.88
C ALA A 76 8.92 12.90 3.31
N GLN A 77 8.73 12.54 2.04
CA GLN A 77 9.74 11.79 1.31
C GLN A 77 9.60 12.14 -0.16
N ASP A 78 10.65 11.81 -0.92
CA ASP A 78 10.66 12.10 -2.35
C ASP A 78 9.78 11.10 -3.09
N ALA A 79 8.87 11.61 -3.92
CA ALA A 79 7.95 10.74 -4.66
C ALA A 79 8.63 9.98 -5.79
N GLY A 80 9.89 10.28 -6.11
CA GLY A 80 10.62 9.50 -7.11
C GLY A 80 10.66 8.02 -6.80
N ILE A 81 10.56 7.64 -5.52
CA ILE A 81 10.60 6.22 -5.17
C ILE A 81 9.52 5.44 -5.92
N TYR A 82 8.38 6.08 -6.20
CA TYR A 82 7.28 5.38 -6.86
C TYR A 82 7.54 5.11 -8.34
N PHE A 83 8.61 5.67 -8.90
CA PHE A 83 8.98 5.47 -10.29
C PHE A 83 10.28 4.69 -10.44
N ALA A 84 10.80 4.17 -9.34
CA ALA A 84 12.12 3.54 -9.36
C ALA A 84 12.09 2.29 -10.24
N PRO A 85 13.14 2.05 -11.03
CA PRO A 85 13.20 0.85 -11.88
C PRO A 85 13.54 -0.38 -11.07
N PRO A 86 13.36 -1.58 -11.66
CA PRO A 86 13.55 -2.81 -10.87
C PRO A 86 14.89 -2.93 -10.17
N GLY A 87 15.99 -2.52 -10.83
CA GLY A 87 17.30 -2.62 -10.24
C GLY A 87 17.49 -1.77 -8.99
N GLU A 88 16.61 -0.81 -8.74
CA GLU A 88 16.70 -0.02 -7.51
C GLU A 88 15.82 -0.54 -6.38
N TRP A 89 14.98 -1.53 -6.63
CA TRP A 89 14.06 -2.01 -5.61
C TRP A 89 14.78 -2.82 -4.54
N PRO A 90 14.23 -2.87 -3.34
CA PRO A 90 14.74 -3.79 -2.34
C PRO A 90 14.63 -5.22 -2.86
N PRO A 91 15.47 -6.12 -2.37
CA PRO A 91 15.45 -7.49 -2.90
C PRO A 91 14.11 -8.19 -2.71
N THR A 92 13.38 -7.89 -1.63
CA THR A 92 12.09 -8.53 -1.40
C THR A 92 11.11 -8.24 -2.53
N GLU A 93 11.11 -7.00 -3.05
CA GLU A 93 10.25 -6.67 -4.19
C GLU A 93 10.74 -7.32 -5.47
N GLN A 94 12.06 -7.33 -5.68
CA GLN A 94 12.61 -7.99 -6.85
C GLN A 94 12.23 -9.47 -6.89
N TRP A 95 12.37 -10.16 -5.75
CA TRP A 95 11.99 -11.57 -5.67
C TRP A 95 10.53 -11.75 -6.07
N ALA A 96 9.64 -10.94 -5.51
CA ALA A 96 8.21 -11.07 -5.77
C ALA A 96 7.89 -10.92 -7.25
N VAL A 97 8.45 -9.88 -7.88
CA VAL A 97 8.11 -9.60 -9.26
C VAL A 97 8.65 -10.69 -10.19
N GLU A 98 9.84 -11.21 -9.91
CA GLU A 98 10.38 -12.19 -10.83
C GLU A 98 9.67 -13.54 -10.71
N ARG A 99 8.97 -13.80 -9.60
CA ARG A 99 8.25 -15.05 -9.40
C ARG A 99 6.81 -15.01 -9.86
N ALA A 100 6.26 -13.82 -10.10
CA ALA A 100 4.87 -13.68 -10.49
C ALA A 100 4.55 -14.56 -11.70
N ARG A 101 3.39 -15.21 -11.66
CA ARG A 101 2.96 -16.08 -12.76
C ARG A 101 1.47 -15.90 -12.99
N GLY A 102 1.04 -16.25 -14.21
CA GLY A 102 -0.38 -16.23 -14.51
C GLY A 102 -0.97 -14.84 -14.54
N ARG A 103 -2.26 -14.76 -14.20
CA ARG A 103 -2.96 -13.49 -14.16
C ARG A 103 -2.60 -12.79 -12.85
N VAL A 104 -2.01 -11.60 -12.95
CA VAL A 104 -1.43 -10.91 -11.82
C VAL A 104 -2.28 -9.70 -11.48
N LEU A 105 -2.55 -9.51 -10.19
CA LEU A 105 -3.16 -8.28 -9.70
C LEU A 105 -2.12 -7.53 -8.86
N ASP A 106 -1.81 -6.31 -9.26
CA ASP A 106 -0.89 -5.42 -8.54
C ASP A 106 -1.74 -4.62 -7.56
N VAL A 107 -1.73 -5.02 -6.29
CA VAL A 107 -2.68 -4.54 -5.29
C VAL A 107 -2.12 -3.27 -4.66
N GLY A 108 -2.74 -2.13 -4.96
CA GLY A 108 -2.23 -0.85 -4.51
C GLY A 108 -1.06 -0.44 -5.39
N CYS A 109 -1.31 -0.29 -6.68
CA CYS A 109 -0.20 -0.24 -7.62
C CYS A 109 0.54 1.09 -7.63
N GLY A 110 -0.06 2.17 -7.15
CA GLY A 110 0.61 3.46 -7.17
C GLY A 110 0.83 3.89 -8.60
N ALA A 111 2.06 4.31 -8.90
CA ALA A 111 2.47 4.68 -10.25
C ALA A 111 2.76 3.47 -11.12
N GLY A 112 2.58 2.26 -10.59
CA GLY A 112 2.67 1.05 -11.38
C GLY A 112 4.05 0.44 -11.52
N ARG A 113 5.05 0.81 -10.70
CA ARG A 113 6.40 0.35 -10.99
C ARG A 113 6.47 -1.19 -11.08
N HIS A 114 5.73 -1.90 -10.23
CA HIS A 114 5.86 -3.35 -10.22
C HIS A 114 5.12 -4.00 -11.38
N GLY A 115 3.84 -3.64 -11.57
CA GLY A 115 3.07 -4.21 -12.66
C GLY A 115 3.63 -3.86 -14.03
N LEU A 116 4.19 -2.65 -14.16
CA LEU A 116 4.81 -2.25 -15.42
C LEU A 116 5.94 -3.18 -15.81
N ALA A 117 6.77 -3.58 -14.84
CA ALA A 117 7.84 -4.52 -15.12
C ALA A 117 7.28 -5.85 -15.61
N LEU A 118 6.16 -6.28 -15.03
CA LEU A 118 5.55 -7.53 -15.46
C LEU A 118 4.93 -7.40 -16.84
N ARG A 119 4.29 -6.26 -17.12
CA ARG A 119 3.72 -6.03 -18.45
C ARG A 119 4.80 -6.03 -19.51
N GLU A 120 5.96 -5.40 -19.20
CA GLU A 120 7.09 -5.43 -20.14
C GLU A 120 7.61 -6.85 -20.35
N ALA A 121 7.53 -7.70 -19.34
CA ALA A 121 7.94 -9.10 -19.44
C ALA A 121 6.90 -9.96 -20.16
N GLY A 122 5.74 -9.40 -20.51
CA GLY A 122 4.73 -10.12 -21.28
C GLY A 122 3.63 -10.77 -20.49
N LEU A 123 3.52 -10.51 -19.17
CA LEU A 123 2.47 -11.12 -18.37
C LEU A 123 1.17 -10.34 -18.46
N ASP A 124 0.08 -11.04 -18.10
CA ASP A 124 -1.25 -10.45 -18.00
C ASP A 124 -1.36 -9.80 -16.63
N VAL A 125 -1.33 -8.47 -16.56
CA VAL A 125 -1.27 -7.75 -15.30
C VAL A 125 -2.35 -6.70 -15.23
N LEU A 126 -2.98 -6.57 -14.06
CA LEU A 126 -3.92 -5.51 -13.79
C LEU A 126 -3.53 -4.85 -12.48
N GLY A 127 -3.50 -3.50 -12.45
CA GLY A 127 -3.34 -2.82 -11.19
C GLY A 127 -4.67 -2.45 -10.57
N VAL A 128 -4.66 -2.24 -9.26
CA VAL A 128 -5.84 -1.71 -8.57
C VAL A 128 -5.36 -0.65 -7.59
N ASP A 129 -6.05 0.49 -7.59
CA ASP A 129 -5.69 1.58 -6.70
C ASP A 129 -6.90 2.45 -6.48
N SER A 130 -7.06 2.97 -5.28
CA SER A 130 -8.20 3.82 -4.99
C SER A 130 -7.96 5.28 -5.31
N SER A 131 -6.72 5.66 -5.62
CA SER A 131 -6.42 7.04 -6.01
C SER A 131 -6.67 7.22 -7.51
N PRO A 132 -7.60 8.08 -7.91
CA PRO A 132 -7.82 8.27 -9.37
C PRO A 132 -6.59 8.81 -10.07
N GLY A 133 -5.83 9.67 -9.40
CA GLY A 133 -4.65 10.24 -10.02
C GLY A 133 -3.52 9.24 -10.15
N ALA A 134 -3.31 8.42 -9.12
CA ALA A 134 -2.36 7.32 -9.23
C ALA A 134 -2.73 6.42 -10.39
N ALA A 135 -4.02 6.06 -10.49
CA ALA A 135 -4.47 5.19 -11.57
C ALA A 135 -4.17 5.82 -12.92
N GLU A 136 -4.42 7.11 -13.06
CA GLU A 136 -4.16 7.79 -14.33
C GLU A 136 -2.68 7.78 -14.67
N VAL A 137 -1.82 7.98 -13.67
CA VAL A 137 -0.37 7.96 -13.91
C VAL A 137 0.09 6.58 -14.37
N ALA A 138 -0.32 5.54 -13.64
CA ALA A 138 0.06 4.19 -14.04
C ALA A 138 -0.44 3.85 -15.44
N ARG A 139 -1.69 4.23 -15.74
CA ARG A 139 -2.22 3.95 -17.08
C ARG A 139 -1.42 4.65 -18.15
N GLU A 140 -1.03 5.90 -17.90
CA GLU A 140 -0.22 6.62 -18.87
C GLU A 140 1.12 5.94 -19.10
N ARG A 141 1.71 5.36 -18.03
CA ARG A 141 2.95 4.63 -18.16
C ARG A 141 2.78 3.29 -18.86
N GLY A 142 1.54 2.80 -18.98
CA GLY A 142 1.24 1.58 -19.73
C GLY A 142 0.65 0.42 -18.95
N LEU A 143 0.15 0.66 -17.75
CA LEU A 143 -0.45 -0.40 -16.93
C LEU A 143 -1.95 -0.23 -16.87
N ASP A 144 -2.71 -1.28 -17.18
CA ASP A 144 -4.15 -1.23 -16.94
C ASP A 144 -4.41 -1.14 -15.43
N VAL A 145 -5.34 -0.27 -15.04
CA VAL A 145 -5.64 -0.07 -13.63
C VAL A 145 -7.14 0.01 -13.40
N LEU A 146 -7.62 -0.77 -12.43
CA LEU A 146 -8.97 -0.63 -11.90
C LEU A 146 -8.94 0.36 -10.74
N GLU A 147 -9.76 1.41 -10.80
CA GLU A 147 -9.93 2.32 -9.67
C GLU A 147 -10.92 1.71 -8.68
N ALA A 148 -10.41 1.21 -7.56
CA ALA A 148 -11.30 0.63 -6.56
C ALA A 148 -10.55 0.58 -5.24
N ARG A 149 -11.29 0.63 -4.14
CA ARG A 149 -10.74 0.20 -2.87
C ARG A 149 -10.60 -1.32 -2.87
N PHE A 150 -9.58 -1.82 -2.18
CA PHE A 150 -9.34 -3.26 -2.16
C PHE A 150 -10.59 -4.03 -1.77
N THR A 151 -11.30 -3.53 -0.75
CA THR A 151 -12.51 -4.22 -0.30
C THR A 151 -13.66 -4.10 -1.30
N GLU A 152 -13.53 -3.24 -2.31
CA GLU A 152 -14.50 -3.17 -3.40
C GLU A 152 -14.13 -4.05 -4.59
N LEU A 153 -13.03 -4.81 -4.53
CA LEU A 153 -12.62 -5.57 -5.71
C LEU A 153 -13.70 -6.48 -6.25
N PRO A 154 -14.39 -7.31 -5.45
CA PRO A 154 -15.40 -8.19 -6.05
C PRO A 154 -16.52 -7.44 -6.76
N ALA A 155 -16.90 -6.25 -6.27
CA ALA A 155 -17.98 -5.49 -6.88
C ALA A 155 -17.53 -4.75 -8.13
N ARG A 156 -16.27 -4.31 -8.18
CA ARG A 156 -15.79 -3.45 -9.25
C ARG A 156 -15.05 -4.17 -10.35
N LEU A 157 -14.52 -5.36 -10.10
CA LEU A 157 -13.73 -6.08 -11.08
C LEU A 157 -14.58 -6.38 -12.30
N PRO A 158 -14.20 -5.93 -13.49
CA PRO A 158 -15.01 -6.24 -14.67
C PRO A 158 -14.94 -7.73 -14.96
N ASP A 159 -16.07 -8.27 -15.40
CA ASP A 159 -16.09 -9.64 -15.91
C ASP A 159 -15.05 -9.80 -17.00
N GLY A 160 -14.37 -10.93 -17.00
CA GLY A 160 -13.28 -11.15 -17.92
C GLY A 160 -11.91 -10.79 -17.37
N ALA A 161 -11.85 -10.01 -16.30
CA ALA A 161 -10.61 -9.80 -15.57
C ALA A 161 -10.52 -10.81 -14.45
N GLY A 162 -9.31 -11.29 -14.17
CA GLY A 162 -9.14 -12.34 -13.21
C GLY A 162 -9.88 -13.59 -13.66
N PRO A 163 -10.01 -14.60 -12.78
CA PRO A 163 -9.49 -14.64 -11.40
C PRO A 163 -7.98 -14.61 -11.41
N PHE A 164 -7.34 -14.24 -10.32
CA PHE A 164 -5.92 -13.95 -10.36
C PHE A 164 -5.13 -15.09 -9.75
N ASP A 165 -4.00 -15.39 -10.37
CA ASP A 165 -3.07 -16.40 -9.88
C ASP A 165 -2.08 -15.81 -8.89
N THR A 166 -1.65 -14.56 -9.11
CA THR A 166 -0.67 -13.91 -8.26
C THR A 166 -1.19 -12.55 -7.85
N PHE A 167 -1.17 -12.27 -6.55
CA PHE A 167 -1.44 -10.93 -6.03
C PHE A 167 -0.14 -10.35 -5.54
N LEU A 168 0.20 -9.14 -5.99
CA LEU A 168 1.34 -8.41 -5.46
C LEU A 168 0.86 -7.43 -4.41
N LEU A 169 1.46 -7.51 -3.19
CA LEU A 169 1.20 -6.57 -2.10
C LEU A 169 2.58 -6.06 -1.65
N LEU A 170 3.13 -5.14 -2.42
CA LEU A 170 4.53 -4.76 -2.32
C LEU A 170 4.66 -3.28 -1.98
N GLY A 171 5.84 -2.91 -1.47
CA GLY A 171 6.08 -1.56 -1.01
C GLY A 171 5.59 -1.41 0.41
N ASN A 172 6.19 -2.16 1.33
CA ASN A 172 5.58 -2.49 2.62
C ASN A 172 4.08 -2.76 2.45
N GLY A 173 3.78 -3.68 1.53
CA GLY A 173 2.39 -3.97 1.23
C GLY A 173 1.60 -4.49 2.40
N THR A 174 2.23 -5.30 3.27
CA THR A 174 1.50 -5.82 4.42
C THR A 174 1.06 -4.68 5.35
N GLY A 175 1.78 -3.57 5.33
CA GLY A 175 1.38 -2.43 6.15
C GLY A 175 0.07 -1.81 5.71
N LEU A 176 -0.29 -1.97 4.45
CA LEU A 176 -1.58 -1.49 3.97
C LEU A 176 -2.75 -2.35 4.41
N LEU A 177 -2.48 -3.55 4.97
CA LEU A 177 -3.58 -4.41 5.40
C LEU A 177 -4.40 -3.76 6.51
N GLY A 178 -3.78 -2.87 7.28
CA GLY A 178 -4.50 -2.18 8.33
C GLY A 178 -4.72 -3.04 9.55
N THR A 179 -5.70 -2.65 10.37
CA THR A 179 -5.99 -3.38 11.60
C THR A 179 -6.47 -4.79 11.26
N PRO A 180 -6.48 -5.69 12.24
CA PRO A 180 -6.93 -7.06 11.95
C PRO A 180 -8.27 -7.16 11.26
N ALA A 181 -9.26 -6.36 11.69
CA ALA A 181 -10.56 -6.36 11.03
C ALA A 181 -10.43 -5.95 9.57
N GLN A 182 -9.72 -4.85 9.30
CA GLN A 182 -9.54 -4.42 7.92
C GLN A 182 -8.76 -5.44 7.13
N ALA A 183 -7.73 -6.02 7.74
CA ALA A 183 -6.92 -7.03 7.06
C ALA A 183 -7.78 -8.22 6.65
N ARG A 184 -8.69 -8.65 7.53
CA ARG A 184 -9.51 -9.80 7.20
C ARG A 184 -10.45 -9.48 6.05
N GLU A 185 -11.01 -8.26 6.02
CA GLU A 185 -11.91 -7.94 4.91
C GLU A 185 -11.14 -7.83 3.59
N THR A 186 -9.95 -7.25 3.63
CA THR A 186 -9.13 -7.14 2.42
C THR A 186 -8.74 -8.52 1.91
N LEU A 187 -8.29 -9.39 2.81
CA LEU A 187 -7.91 -10.74 2.41
C LEU A 187 -9.10 -11.52 1.89
N GLY A 188 -10.27 -11.35 2.52
CA GLY A 188 -11.48 -11.96 2.00
C GLY A 188 -11.81 -11.49 0.60
N ALA A 189 -11.64 -10.19 0.33
CA ALA A 189 -11.90 -9.66 -1.00
C ALA A 189 -10.93 -10.23 -2.03
N LEU A 190 -9.65 -10.36 -1.65
CA LEU A 190 -8.68 -10.93 -2.58
C LEU A 190 -9.00 -12.39 -2.89
N ALA A 191 -9.39 -13.17 -1.87
CA ALA A 191 -9.76 -14.56 -2.10
C ALA A 191 -10.97 -14.68 -3.01
N GLU A 192 -11.90 -13.73 -2.92
CA GLU A 192 -13.09 -13.75 -3.76
C GLU A 192 -12.76 -13.66 -5.24
N VAL A 193 -11.66 -13.01 -5.58
CA VAL A 193 -11.28 -12.87 -6.98
C VAL A 193 -10.03 -13.70 -7.31
N ALA A 194 -9.70 -14.68 -6.46
CA ALA A 194 -8.50 -15.49 -6.65
C ALA A 194 -8.82 -16.77 -7.41
N ALA A 195 -7.86 -17.19 -8.22
CA ALA A 195 -7.89 -18.49 -8.87
C ALA A 195 -7.49 -19.56 -7.86
N PRO A 196 -7.93 -20.80 -8.06
CA PRO A 196 -7.45 -21.89 -7.21
C PRO A 196 -5.93 -21.93 -7.18
N GLY A 197 -5.38 -22.10 -5.99
CA GLY A 197 -3.93 -22.12 -5.82
C GLY A 197 -3.25 -20.78 -5.88
N ALA A 198 -4.01 -19.68 -5.87
CA ALA A 198 -3.41 -18.36 -6.00
C ALA A 198 -2.47 -18.06 -4.82
N VAL A 199 -1.53 -17.15 -5.06
CA VAL A 199 -0.65 -16.70 -4.00
C VAL A 199 -0.72 -15.18 -3.88
N ILE A 200 -0.56 -14.70 -2.65
CA ILE A 200 -0.23 -13.31 -2.37
C ILE A 200 1.27 -13.24 -2.07
N LEU A 201 1.95 -12.35 -2.75
CA LEU A 201 3.36 -12.06 -2.46
C LEU A 201 3.40 -10.71 -1.77
N GLY A 202 3.55 -10.74 -0.44
CA GLY A 202 3.42 -9.52 0.33
C GLY A 202 4.67 -9.23 1.12
N ASP A 203 5.21 -8.03 1.01
CA ASP A 203 6.44 -7.72 1.71
C ASP A 203 6.14 -6.87 2.94
N GLY A 204 7.13 -6.80 3.83
CA GLY A 204 6.91 -6.08 5.07
C GLY A 204 8.22 -5.76 5.74
N LEU A 205 8.11 -5.13 6.90
CA LEU A 205 9.24 -4.73 7.72
C LEU A 205 9.11 -5.38 9.09
N ASP A 206 10.18 -6.01 9.55
CA ASP A 206 10.23 -6.61 10.89
C ASP A 206 11.16 -5.73 11.72
N VAL A 207 10.60 -4.68 12.30
CA VAL A 207 11.37 -3.74 13.10
C VAL A 207 10.65 -3.50 14.42
N PRO A 208 11.37 -3.26 15.51
CA PRO A 208 10.70 -2.84 16.74
C PRO A 208 10.15 -1.43 16.60
N VAL A 209 9.18 -1.12 17.45
CA VAL A 209 8.67 0.25 17.51
C VAL A 209 9.76 1.17 18.03
N PRO A 210 10.06 2.29 17.38
CA PRO A 210 11.07 3.20 17.91
C PRO A 210 10.63 3.74 19.26
N PRO A 211 11.59 4.02 20.15
CA PRO A 211 11.21 4.38 21.54
C PRO A 211 10.44 5.69 21.64
N ASP A 212 10.66 6.64 20.73
CA ASP A 212 9.94 7.90 20.77
C ASP A 212 8.46 7.76 20.45
N ARG A 213 8.00 6.57 20.02
CA ARG A 213 6.59 6.30 19.76
C ARG A 213 5.82 5.94 21.04
N ALA A 214 6.47 5.99 22.20
CA ALA A 214 5.83 5.55 23.45
C ALA A 214 4.57 6.35 23.74
N ALA A 215 4.65 7.68 23.58
CA ALA A 215 3.49 8.52 23.84
C ALA A 215 2.35 8.21 22.85
N TYR A 216 2.69 8.01 21.57
CA TYR A 216 1.65 7.68 20.60
C TYR A 216 1.03 6.33 20.90
N GLU A 217 1.84 5.38 21.39
CA GLU A 217 1.30 4.06 21.71
C GLU A 217 0.37 4.10 22.90
N ARG A 218 0.63 4.97 23.88
CA ARG A 218 -0.32 5.13 24.98
C ARG A 218 -1.65 5.63 24.44
N TRP A 219 -1.60 6.52 23.45
CA TRP A 219 -2.81 7.00 22.82
C TRP A 219 -3.55 5.87 22.12
N ASN A 220 -2.81 5.00 21.40
CA ASN A 220 -3.42 3.81 20.81
C ASN A 220 -4.14 2.98 21.87
N ALA A 221 -3.49 2.74 23.01
CA ALA A 221 -4.09 1.88 24.03
C ALA A 221 -5.39 2.50 24.57
N GLU A 222 -5.38 3.80 24.83
CA GLU A 222 -6.60 4.46 25.29
C GLU A 222 -7.74 4.30 24.31
N ARG A 223 -7.45 4.17 23.02
CA ARG A 223 -8.44 4.09 21.96
C ARG A 223 -8.73 2.65 21.51
N GLY A 224 -8.13 1.65 22.13
CA GLY A 224 -8.35 0.28 21.72
C GLY A 224 -7.66 -0.13 20.43
N ARG A 225 -6.71 0.66 19.95
CA ARG A 225 -6.02 0.41 18.69
C ARG A 225 -4.77 -0.44 18.90
N PRO A 226 -4.47 -1.33 17.97
CA PRO A 226 -3.38 -2.28 18.19
C PRO A 226 -2.02 -1.62 18.26
N GLU A 227 -1.16 -2.21 19.06
CA GLU A 227 0.22 -1.75 19.17
C GLU A 227 0.90 -1.74 17.81
N GLY A 228 1.64 -0.68 17.53
CA GLY A 228 2.39 -0.58 16.30
C GLY A 228 1.69 0.12 15.17
N PHE A 229 0.41 0.46 15.30
CA PHE A 229 -0.29 1.12 14.20
C PHE A 229 -0.21 2.63 14.33
N VAL A 230 -0.25 3.30 13.18
CA VAL A 230 -0.47 4.74 13.12
C VAL A 230 -1.66 4.98 12.21
N ARG A 231 -2.34 6.09 12.45
CA ARG A 231 -3.41 6.56 11.56
C ARG A 231 -2.85 7.80 10.85
N ILE A 232 -2.83 7.76 9.52
CA ILE A 232 -2.12 8.76 8.74
C ILE A 232 -2.96 9.15 7.53
N ARG A 233 -2.57 10.26 6.91
CA ARG A 233 -3.20 10.75 5.71
C ARG A 233 -2.17 11.54 4.93
N LEU A 234 -2.44 11.73 3.65
CA LEU A 234 -1.54 12.51 2.81
C LEU A 234 -2.05 13.93 2.68
N ARG A 235 -1.12 14.86 2.52
CA ARG A 235 -1.48 16.24 2.28
C ARG A 235 -0.62 16.82 1.17
N ASP A 236 -1.25 17.59 0.31
CA ASP A 236 -0.55 18.23 -0.79
C ASP A 236 -1.38 19.40 -1.27
N ARG A 237 -0.76 20.57 -1.34
CA ARG A 237 -1.44 21.83 -1.70
C ARG A 237 -2.64 21.93 -0.79
N LEU A 238 -3.85 22.21 -1.28
CA LEU A 238 -5.02 22.30 -0.40
C LEU A 238 -5.79 20.99 -0.32
N LEU A 239 -5.22 19.87 -0.77
CA LEU A 239 -5.92 18.60 -0.75
C LEU A 239 -5.44 17.73 0.40
N VAL A 240 -6.35 16.90 0.91
CA VAL A 240 -6.10 15.98 2.02
C VAL A 240 -6.73 14.66 1.67
N GLY A 241 -6.01 13.58 1.92
CA GLY A 241 -6.59 12.26 1.72
C GLY A 241 -7.34 11.77 2.96
N GLU A 242 -8.00 10.62 2.80
CA GLU A 242 -8.69 10.00 3.94
C GLU A 242 -7.68 9.53 4.97
N TRP A 243 -8.12 9.50 6.23
CA TRP A 243 -7.35 8.76 7.23
C TRP A 243 -7.32 7.28 6.87
N PHE A 244 -6.14 6.66 7.01
CA PHE A 244 -6.00 5.22 6.87
C PHE A 244 -5.01 4.72 7.90
N ASP A 245 -5.13 3.43 8.23
CA ASP A 245 -4.29 2.80 9.22
C ASP A 245 -3.08 2.17 8.54
N TYR A 246 -1.94 2.23 9.22
CA TYR A 246 -0.67 1.82 8.64
C TYR A 246 0.21 1.25 9.73
N ALA A 247 0.93 0.17 9.42
CA ALA A 247 1.78 -0.47 10.42
C ALA A 247 2.94 -1.16 9.73
N MET A 248 3.97 -1.45 10.51
CA MET A 248 4.97 -2.43 10.14
C MET A 248 4.59 -3.72 10.87
N ILE A 249 4.23 -4.72 10.08
CA ILE A 249 3.66 -5.97 10.59
C ILE A 249 4.76 -7.02 10.56
N SER A 250 5.05 -7.61 11.72
CA SER A 250 6.06 -8.66 11.80
C SER A 250 5.54 -9.94 11.16
N PRO A 251 6.45 -10.82 10.69
CA PRO A 251 5.99 -12.12 10.17
C PRO A 251 5.09 -12.87 11.14
N ASP A 252 5.37 -12.79 12.44
CA ASP A 252 4.49 -13.47 13.40
C ASP A 252 3.14 -12.77 13.50
N ASP A 253 3.13 -11.43 13.49
CA ASP A 253 1.86 -10.71 13.46
C ASP A 253 1.02 -11.14 12.25
N LEU A 254 1.67 -11.26 11.09
CA LEU A 254 0.97 -11.64 9.86
C LEU A 254 0.37 -13.03 10.00
N GLY A 255 1.11 -13.96 10.60
CA GLY A 255 0.57 -15.29 10.84
C GLY A 255 -0.68 -15.27 11.69
N ARG A 256 -0.69 -14.45 12.74
CA ARG A 256 -1.88 -14.34 13.58
C ARG A 256 -3.06 -13.77 12.81
N VAL A 257 -2.81 -12.73 11.99
CA VAL A 257 -3.87 -12.13 11.20
C VAL A 257 -4.54 -13.16 10.29
N LEU A 258 -3.77 -14.12 9.79
CA LEU A 258 -4.28 -15.07 8.81
C LEU A 258 -5.14 -16.18 9.40
N ALA A 259 -5.07 -16.39 10.72
CA ALA A 259 -5.87 -17.43 11.34
C ALA A 259 -7.34 -17.25 10.99
N GLY A 260 -7.94 -18.31 10.44
CA GLY A 260 -9.34 -18.30 10.07
C GLY A 260 -9.62 -17.81 8.67
N THR A 261 -8.72 -17.03 8.07
CA THR A 261 -8.92 -16.54 6.71
C THR A 261 -8.78 -17.68 5.71
N ARG A 262 -9.03 -17.36 4.43
CA ARG A 262 -8.82 -18.33 3.35
C ARG A 262 -7.35 -18.51 2.99
N TRP A 263 -6.42 -17.91 3.73
CA TRP A 263 -5.03 -17.82 3.31
C TRP A 263 -4.11 -18.46 4.36
N ASP A 264 -3.16 -19.26 3.87
CA ASP A 264 -2.12 -19.88 4.68
C ASP A 264 -0.80 -19.14 4.47
N LEU A 265 -0.07 -18.89 5.55
CA LEU A 265 1.28 -18.35 5.43
C LEU A 265 2.23 -19.48 5.04
N ALA A 266 2.65 -19.48 3.79
CA ALA A 266 3.45 -20.58 3.24
C ALA A 266 4.93 -20.45 3.56
N SER A 267 5.49 -19.24 3.50
CA SER A 267 6.92 -19.04 3.74
C SER A 267 7.18 -17.57 4.05
N VAL A 268 8.30 -17.33 4.74
CA VAL A 268 8.81 -16.00 5.04
C VAL A 268 10.28 -15.94 4.66
N GLU A 269 10.65 -14.98 3.82
CA GLU A 269 12.01 -14.79 3.34
C GLU A 269 12.51 -13.40 3.72
N ARG A 270 13.61 -13.33 4.46
CA ARG A 270 14.13 -12.07 4.95
C ARG A 270 15.24 -11.53 4.05
N ALA A 271 15.32 -10.20 3.99
CA ALA A 271 16.47 -9.49 3.47
C ALA A 271 16.74 -8.37 4.47
N GLY A 272 17.61 -8.66 5.42
CA GLY A 272 17.85 -7.71 6.51
C GLY A 272 16.57 -7.44 7.27
N VAL A 273 16.17 -6.17 7.26
CA VAL A 273 15.01 -5.69 8.00
C VAL A 273 13.69 -6.06 7.31
N ARG A 274 13.72 -6.26 5.99
CA ARG A 274 12.54 -6.53 5.19
C ARG A 274 12.28 -8.03 5.10
N TYR A 275 11.03 -8.38 4.79
CA TYR A 275 10.74 -9.77 4.48
C TYR A 275 9.75 -9.84 3.33
N LEU A 276 9.71 -11.00 2.68
CA LEU A 276 8.70 -11.31 1.68
C LEU A 276 7.93 -12.54 2.15
N ALA A 277 6.63 -12.38 2.36
CA ALA A 277 5.77 -13.46 2.76
C ALA A 277 4.99 -13.98 1.56
N THR A 278 4.86 -15.31 1.49
CA THR A 278 4.07 -15.96 0.45
C THR A 278 2.84 -16.56 1.13
N LEU A 279 1.67 -16.07 0.74
CA LEU A 279 0.40 -16.58 1.26
C LEU A 279 -0.25 -17.42 0.18
N ARG A 280 -0.73 -18.61 0.55
CA ARG A 280 -1.36 -19.50 -0.41
C ARG A 280 -2.85 -19.63 -0.12
N LEU A 281 -3.66 -19.59 -1.18
CA LEU A 281 -5.10 -19.75 -1.02
C LEU A 281 -5.44 -21.18 -0.61
N ARG A 282 -6.24 -21.32 0.45
CA ARG A 282 -6.66 -22.65 0.89
C ARG A 282 -7.72 -23.22 -0.05
N ASP A 283 -7.67 -24.53 -0.26
CA ASP A 283 -8.62 -25.17 -1.17
C ASP A 283 -10.01 -25.24 -0.54
N SAH B . 2.73 -0.54 -4.29
CA SAH B . 3.15 0.71 -4.94
CB SAH B . 2.42 1.91 -4.33
CG SAH B . 2.58 2.02 -2.83
SD SAH B . 1.81 3.53 -2.17
C SAH B . 4.64 0.93 -4.84
O SAH B . 5.23 1.77 -5.55
OXT SAH B . 5.28 0.25 -4.04
C5' SAH B . 0.23 2.72 -1.77
C4' SAH B . -0.78 2.78 -2.91
O4' SAH B . -1.91 2.01 -2.55
C3' SAH B . -1.28 4.21 -3.14
O3' SAH B . -1.24 4.49 -4.52
C2' SAH B . -2.70 4.23 -2.60
O2' SAH B . -3.57 5.06 -3.35
C1' SAH B . -3.10 2.78 -2.67
N9 SAH B . -4.00 2.38 -1.58
C8 SAH B . -3.80 2.53 -0.23
N7 SAH B . -4.88 2.00 0.40
C5 SAH B . -5.74 1.52 -0.53
C6 SAH B . -6.97 0.88 -0.43
N6 SAH B . -7.55 0.63 0.76
N1 SAH B . -7.61 0.50 -1.58
C2 SAH B . -7.05 0.74 -2.81
N3 SAH B . -5.82 1.37 -2.90
C4 SAH B . -5.19 1.74 -1.77
N CYS C . -1.68 4.78 0.47
CA CYS C . -1.16 6.09 0.13
C CYS C . 0.33 6.13 0.39
O CYS C . 0.80 5.60 1.39
CB CYS C . -1.85 7.19 0.93
SG CYS C . -3.60 7.49 0.65
OXT CYS C . 1.12 6.67 -0.40
S DMS D . 4.92 7.47 11.24
O DMS D . 4.38 7.73 12.60
C1 DMS D . 4.25 8.66 10.05
C2 DMS D . 6.69 7.89 11.17
C1 EDO E . 6.50 8.85 17.14
O1 EDO E . 6.25 10.19 17.60
C2 EDO E . 7.46 8.87 15.96
O2 EDO E . 7.60 7.56 15.39
C1 EDO F . 6.05 3.50 -0.22
O1 EDO F . 7.22 4.20 0.21
C2 EDO F . 6.46 2.39 -1.17
O2 EDO F . 7.58 1.69 -0.62
C ACT G . 12.10 -20.05 -0.21
O ACT G . 12.55 -19.81 -1.36
OXT ACT G . 12.75 -20.35 0.81
CH3 ACT G . 10.56 -19.94 -0.03
#